data_3T5I
#
_entry.id   3T5I
#
_cell.length_a   65.750
_cell.length_b   70.050
_cell.length_c   71.230
_cell.angle_alpha   90.00
_cell.angle_beta   81.55
_cell.angle_gamma   90.00
#
_symmetry.space_group_name_H-M   'P 1 21 1'
#
loop_
_entity.id
_entity.type
_entity.pdbx_description
1 polymer "Retinal rod rhodopsin-sensitive cGMP 3',5'-cyclic phosphodiesterase subunit delta"
2 polymer 'C-terminal Farnesylated Rheb peptide CSQQGKSS(CMT)'
3 non-polymer FARNESYL
4 water water
#
loop_
_entity_poly.entity_id
_entity_poly.type
_entity_poly.pdbx_seq_one_letter_code
_entity_poly.pdbx_strand_id
1 'polypeptide(L)'
;GSMSAKDERAREILRGFKLNWMNLRDAETGKILWQGTEDLSVPGVEHEARVPKKILKCKAVSRELNFSSTEQMEKFRLEQ
KVYFKGQCLEEWFFEFGFVIPNSTNTWQSLIEAAPESQMMPASVLTGNVIIETKFFDDDLLVSTSRVRLFYV
;
B,A,C,D
2 'polypeptide(L)' CSQQGKSS(CMT) Q,R
#
loop_
_chem_comp.id
_chem_comp.type
_chem_comp.name
_chem_comp.formula
FAR non-polymer FARNESYL 'C15 H26'
#
# COMPACT_ATOMS: atom_id res chain seq x y z
N LYS A 6 1.18 9.28 15.96
CA LYS A 6 1.41 7.79 15.90
C LYS A 6 2.71 7.43 16.58
N ASP A 7 3.70 8.30 16.49
CA ASP A 7 4.91 8.07 17.27
C ASP A 7 4.65 8.20 18.78
N GLU A 8 3.78 9.14 19.18
CA GLU A 8 3.49 9.30 20.61
C GLU A 8 2.67 8.12 21.16
N ARG A 9 1.71 7.64 20.38
CA ARG A 9 0.92 6.47 20.74
C ARG A 9 1.76 5.19 20.88
N ALA A 10 2.75 5.04 20.01
CA ALA A 10 3.71 3.95 20.14
C ALA A 10 4.51 4.09 21.42
N ARG A 11 4.96 5.32 21.73
CA ARG A 11 5.69 5.54 22.97
C ARG A 11 4.80 5.29 24.18
N GLU A 12 3.51 5.57 24.04
CA GLU A 12 2.55 5.35 25.13
C GLU A 12 2.37 3.85 25.43
N ILE A 13 2.23 3.05 24.39
CA ILE A 13 2.16 1.61 24.57
C ILE A 13 3.47 1.11 25.21
N LEU A 14 4.60 1.57 24.68
CA LEU A 14 5.92 1.14 25.16
C LEU A 14 6.14 1.45 26.64
N ARG A 15 5.82 2.66 27.08
CA ARG A 15 5.93 3.08 28.47
C ARG A 15 5.14 2.19 29.45
N GLY A 16 3.97 1.74 29.01
CA GLY A 16 3.12 0.90 29.82
C GLY A 16 3.37 -0.60 29.67
N PHE A 17 4.34 -0.96 28.82
CA PHE A 17 4.58 -2.36 28.46
C PHE A 17 5.84 -2.92 29.09
N LYS A 18 5.79 -4.17 29.56
CA LYS A 18 6.97 -4.80 30.11
C LYS A 18 6.96 -6.33 29.90
N LEU A 19 8.07 -6.89 29.42
CA LEU A 19 8.28 -8.34 29.41
C LEU A 19 8.81 -8.66 30.77
N ASN A 20 8.04 -9.43 31.54
CA ASN A 20 8.38 -9.78 32.93
C ASN A 20 9.41 -10.90 32.94
N TRP A 21 9.13 -11.94 32.15
CA TRP A 21 10.05 -13.08 32.02
C TRP A 21 9.74 -13.91 30.78
N MET A 22 10.68 -14.77 30.42
CA MET A 22 10.50 -15.75 29.33
C MET A 22 11.15 -17.06 29.77
N ASN A 23 10.47 -18.17 29.48
CA ASN A 23 11.04 -19.52 29.64
C ASN A 23 11.11 -20.18 28.29
N LEU A 24 12.05 -21.12 28.15
CA LEU A 24 12.13 -22.02 27.03
C LEU A 24 12.16 -23.44 27.56
N ARG A 25 11.24 -24.24 27.04
CA ARG A 25 11.14 -25.64 27.44
CA ARG A 25 11.13 -25.64 27.44
C ARG A 25 11.31 -26.56 26.24
N ASP A 26 11.87 -27.73 26.49
CA ASP A 26 11.87 -28.80 25.52
C ASP A 26 10.41 -29.20 25.30
N ALA A 27 9.95 -29.11 24.06
CA ALA A 27 8.53 -29.36 23.74
C ALA A 27 8.11 -30.80 23.93
N GLU A 28 9.03 -31.74 23.72
CA GLU A 28 8.69 -33.16 23.90
C GLU A 28 8.47 -33.49 25.37
N THR A 29 9.32 -32.95 26.24
CA THR A 29 9.29 -33.32 27.66
C THR A 29 8.79 -32.28 28.67
N GLY A 30 8.63 -31.02 28.27
CA GLY A 30 8.18 -29.97 29.19
C GLY A 30 9.28 -29.45 30.10
N LYS A 31 10.50 -29.94 29.89
CA LYS A 31 11.65 -29.61 30.73
C LYS A 31 12.19 -28.20 30.47
N ILE A 32 12.38 -27.40 31.55
CA ILE A 32 12.87 -26.02 31.42
C ILE A 32 14.34 -25.90 30.99
N LEU A 33 14.54 -25.45 29.76
CA LEU A 33 15.89 -25.33 29.20
C LEU A 33 16.59 -24.05 29.64
N TRP A 34 15.81 -22.99 29.84
CA TRP A 34 16.36 -21.67 30.11
C TRP A 34 15.25 -20.77 30.62
N GLN A 35 15.60 -19.92 31.57
CA GLN A 35 14.70 -18.85 31.99
C GLN A 35 15.41 -17.51 32.14
N GLY A 36 14.77 -16.46 31.63
CA GLY A 36 15.30 -15.11 31.71
C GLY A 36 14.27 -14.21 32.33
N THR A 37 14.74 -13.19 33.05
CA THR A 37 13.84 -12.24 33.70
C THR A 37 14.15 -10.82 33.27
N GLU A 38 14.97 -10.69 32.25
CA GLU A 38 15.34 -9.38 31.72
C GLU A 38 14.23 -8.91 30.77
N ASP A 39 13.98 -7.60 30.72
CA ASP A 39 12.98 -7.02 29.79
C ASP A 39 13.57 -6.88 28.38
N LEU A 40 13.48 -7.96 27.61
CA LEU A 40 14.03 -8.01 26.26
C LEU A 40 13.21 -7.19 25.26
N SER A 41 12.19 -6.49 25.73
CA SER A 41 11.47 -5.56 24.85
C SER A 41 12.08 -4.16 24.83
N VAL A 42 13.09 -3.91 25.67
CA VAL A 42 13.72 -2.58 25.76
C VAL A 42 14.58 -2.31 24.53
N PRO A 43 14.28 -1.23 23.78
CA PRO A 43 15.05 -0.90 22.59
C PRO A 43 16.34 -0.15 22.89
N GLY A 44 17.28 -0.16 21.94
CA GLY A 44 18.49 0.70 21.96
C GLY A 44 19.58 0.20 22.88
N VAL A 45 19.46 -1.05 23.29
CA VAL A 45 20.33 -1.70 24.25
C VAL A 45 20.53 -3.10 23.69
N GLU A 46 21.76 -3.52 23.45
CA GLU A 46 21.93 -4.90 22.96
C GLU A 46 21.86 -5.85 24.13
N HIS A 47 20.77 -6.63 24.20
CA HIS A 47 20.61 -7.63 25.25
C HIS A 47 21.41 -8.90 24.93
N GLU A 48 21.62 -9.75 25.93
CA GLU A 48 22.28 -11.05 25.73
C GLU A 48 21.52 -12.14 26.46
N ALA A 49 21.47 -13.34 25.87
CA ALA A 49 20.95 -14.51 26.55
C ALA A 49 21.97 -15.64 26.44
N ARG A 50 22.25 -16.28 27.57
CA ARG A 50 23.19 -17.38 27.61
CA ARG A 50 23.19 -17.40 27.60
C ARG A 50 22.40 -18.69 27.78
N VAL A 51 22.06 -19.32 26.67
CA VAL A 51 21.19 -20.51 26.69
C VAL A 51 22.01 -21.80 26.68
N PRO A 52 21.56 -22.83 27.43
CA PRO A 52 22.38 -24.05 27.45
C PRO A 52 22.47 -24.64 26.06
N LYS A 53 23.65 -25.15 25.70
CA LYS A 53 23.87 -25.68 24.36
C LYS A 53 23.01 -26.90 24.03
N LYS A 54 22.52 -27.61 25.05
CA LYS A 54 21.62 -28.75 24.80
C LYS A 54 20.31 -28.36 24.07
N ILE A 55 19.98 -27.06 24.05
CA ILE A 55 18.83 -26.60 23.28
C ILE A 55 18.96 -27.00 21.81
N LEU A 56 20.20 -27.09 21.32
CA LEU A 56 20.46 -27.42 19.92
C LEU A 56 20.02 -28.82 19.58
N LYS A 57 19.74 -29.62 20.59
CA LYS A 57 19.37 -31.02 20.40
C LYS A 57 17.87 -31.26 20.52
N CYS A 58 17.09 -30.22 20.79
CA CYS A 58 15.63 -30.33 20.82
C CYS A 58 15.08 -30.23 19.42
N LYS A 59 14.06 -31.04 19.13
CA LYS A 59 13.30 -30.97 17.88
C LYS A 59 12.42 -29.72 17.81
N ALA A 60 11.86 -29.36 18.96
CA ALA A 60 10.99 -28.20 19.11
C ALA A 60 11.10 -27.63 20.53
N VAL A 61 10.85 -26.34 20.65
CA VAL A 61 10.97 -25.60 21.89
C VAL A 61 9.66 -24.88 22.13
N SER A 62 9.11 -25.04 23.32
CA SER A 62 8.00 -24.23 23.78
C SER A 62 8.57 -22.96 24.40
N ARG A 63 8.14 -21.81 23.89
CA ARG A 63 8.52 -20.52 24.48
C ARG A 63 7.31 -19.93 25.22
N GLU A 64 7.52 -19.62 26.49
CA GLU A 64 6.48 -18.98 27.31
C GLU A 64 6.93 -17.54 27.59
N LEU A 65 6.20 -16.56 27.06
CA LEU A 65 6.47 -15.15 27.40
C LEU A 65 5.45 -14.64 28.36
N ASN A 66 5.87 -13.81 29.30
CA ASN A 66 4.94 -13.21 30.24
C ASN A 66 5.18 -11.70 30.22
N PHE A 67 4.13 -10.96 29.87
CA PHE A 67 4.24 -9.55 29.65
C PHE A 67 3.05 -8.83 30.30
N SER A 68 3.26 -7.59 30.73
CA SER A 68 2.18 -6.76 31.25
C SER A 68 2.05 -5.49 30.39
N SER A 69 0.82 -4.97 30.26
CA SER A 69 0.56 -3.81 29.41
C SER A 69 -0.52 -2.95 30.10
N THR A 70 -0.24 -1.68 30.34
CA THR A 70 -1.29 -0.77 30.84
C THR A 70 -2.27 -0.43 29.69
N GLU A 71 -1.72 -0.32 28.48
CA GLU A 71 -2.46 0.02 27.28
C GLU A 71 -3.10 -1.19 26.61
N GLN A 72 -4.26 -0.94 26.01
CA GLN A 72 -4.94 -1.93 25.20
C GLN A 72 -4.17 -2.10 23.91
N MET A 73 -4.10 -3.32 23.41
CA MET A 73 -3.63 -3.58 22.05
C MET A 73 -4.67 -4.39 21.30
N GLU A 74 -4.90 -4.06 20.04
CA GLU A 74 -5.86 -4.74 19.17
C GLU A 74 -5.30 -6.07 18.63
N LYS A 75 -4.05 -6.04 18.15
CA LYS A 75 -3.41 -7.22 17.57
C LYS A 75 -1.92 -7.15 17.88
N PHE A 76 -1.60 -7.51 19.12
CA PHE A 76 -0.21 -7.66 19.53
C PHE A 76 0.44 -8.85 18.81
N ARG A 77 1.54 -8.59 18.13
CA ARG A 77 2.25 -9.62 17.39
C ARG A 77 3.74 -9.28 17.33
N LEU A 78 4.52 -10.29 16.97
CA LEU A 78 5.96 -10.16 16.83
C LEU A 78 6.40 -10.55 15.43
N GLU A 79 7.36 -9.83 14.87
CA GLU A 79 8.11 -10.35 13.71
C GLU A 79 9.53 -10.46 14.20
N GLN A 80 10.10 -11.65 14.12
CA GLN A 80 11.46 -11.83 14.59
C GLN A 80 12.33 -12.31 13.45
N LYS A 81 13.55 -11.77 13.38
CA LYS A 81 14.52 -12.11 12.36
C LYS A 81 15.71 -12.68 13.11
N VAL A 82 16.16 -13.83 12.64
CA VAL A 82 17.29 -14.52 13.23
C VAL A 82 18.46 -14.32 12.28
N TYR A 83 19.52 -13.68 12.79
CA TYR A 83 20.73 -13.39 12.02
C TYR A 83 21.88 -14.26 12.48
N PHE A 84 22.62 -14.84 11.54
CA PHE A 84 23.85 -15.51 11.88
C PHE A 84 24.96 -14.73 11.23
N LYS A 85 25.87 -14.17 12.03
CA LYS A 85 26.96 -13.32 11.55
C LYS A 85 26.45 -12.28 10.53
N GLY A 86 25.35 -11.62 10.87
CA GLY A 86 24.79 -10.57 10.02
C GLY A 86 23.90 -11.01 8.86
N GLN A 87 23.81 -12.30 8.60
CA GLN A 87 22.95 -12.78 7.52
C GLN A 87 21.63 -13.30 8.11
N CYS A 88 20.49 -12.74 7.69
CA CYS A 88 19.20 -13.26 8.15
C CYS A 88 19.02 -14.68 7.62
N LEU A 89 18.70 -15.63 8.51
CA LEU A 89 18.45 -17.02 8.11
C LEU A 89 16.98 -17.39 8.15
N GLU A 90 16.22 -16.72 9.00
CA GLU A 90 14.83 -17.07 9.18
C GLU A 90 14.06 -15.89 9.71
N GLU A 91 12.77 -15.90 9.39
CA GLU A 91 11.87 -14.92 9.96
C GLU A 91 10.72 -15.65 10.61
N TRP A 92 10.38 -15.22 11.82
CA TRP A 92 9.28 -15.76 12.60
C TRP A 92 8.16 -14.75 12.75
N PHE A 93 6.94 -15.24 12.70
CA PHE A 93 5.77 -14.41 12.88
C PHE A 93 4.89 -15.07 13.94
N PHE A 94 4.68 -14.40 15.06
CA PHE A 94 3.81 -14.89 16.12
C PHE A 94 2.80 -13.81 16.42
N GLU A 95 1.56 -14.21 16.66
CA GLU A 95 0.48 -13.29 16.95
C GLU A 95 -0.20 -13.68 18.25
N PHE A 96 -0.38 -12.68 19.11
CA PHE A 96 -1.09 -12.86 20.37
C PHE A 96 -2.55 -12.43 20.22
N GLY A 97 -2.78 -11.29 19.57
CA GLY A 97 -4.12 -10.76 19.39
C GLY A 97 -4.44 -9.70 20.44
N PHE A 98 -5.63 -9.79 20.99
CA PHE A 98 -6.18 -8.70 21.78
C PHE A 98 -5.54 -8.70 23.16
N VAL A 99 -5.05 -7.54 23.56
CA VAL A 99 -4.48 -7.39 24.89
C VAL A 99 -5.37 -6.47 25.72
N ILE A 100 -5.94 -7.01 26.81
CA ILE A 100 -6.75 -6.21 27.72
C ILE A 100 -5.88 -5.16 28.41
N PRO A 101 -6.37 -3.91 28.45
CA PRO A 101 -5.60 -2.92 29.18
C PRO A 101 -5.42 -3.32 30.66
N ASN A 102 -4.29 -2.93 31.23
CA ASN A 102 -3.90 -3.24 32.61
C ASN A 102 -3.93 -4.73 32.94
N SER A 103 -3.31 -5.56 32.11
CA SER A 103 -3.35 -7.03 32.30
C SER A 103 -1.94 -7.64 32.30
N THR A 104 -1.81 -8.83 32.87
CA THR A 104 -0.61 -9.65 32.71
C THR A 104 -1.03 -10.80 31.80
N ASN A 105 -0.10 -11.29 30.98
CA ASN A 105 -0.44 -12.15 29.88
C ASN A 105 0.61 -13.22 29.74
N THR A 106 0.17 -14.46 29.60
CA THR A 106 1.11 -15.53 29.34
C THR A 106 0.89 -16.02 27.91
N TRP A 107 1.96 -16.06 27.12
CA TRP A 107 1.86 -16.41 25.72
C TRP A 107 2.82 -17.57 25.44
N GLN A 108 2.26 -18.71 25.03
CA GLN A 108 3.05 -19.88 24.66
C GLN A 108 3.04 -20.14 23.16
N SER A 109 4.22 -20.28 22.57
CA SER A 109 4.39 -20.51 21.13
C SER A 109 5.34 -21.69 20.96
N LEU A 110 5.26 -22.38 19.82
CA LEU A 110 6.19 -23.49 19.53
C LEU A 110 7.16 -23.02 18.45
N ILE A 111 8.45 -23.19 18.69
CA ILE A 111 9.45 -22.91 17.68
C ILE A 111 10.08 -24.25 17.29
N GLU A 112 10.05 -24.58 16.01
CA GLU A 112 10.57 -25.87 15.55
C GLU A 112 12.00 -25.71 15.03
N ALA A 113 12.85 -26.65 15.38
CA ALA A 113 14.25 -26.64 14.94
C ALA A 113 14.36 -27.17 13.50
N ALA A 114 15.22 -26.54 12.72
CA ALA A 114 15.55 -27.00 11.36
C ALA A 114 16.31 -28.32 11.42
N MET A 120 24.48 -28.32 13.64
CA MET A 120 25.43 -27.20 13.88
C MET A 120 26.02 -27.19 15.29
N PRO A 121 27.27 -26.72 15.43
CA PRO A 121 27.95 -26.71 16.71
C PRO A 121 27.76 -25.42 17.49
N ALA A 122 27.75 -25.54 18.81
CA ALA A 122 27.58 -24.41 19.72
C ALA A 122 28.74 -23.42 19.59
N SER A 123 29.96 -23.98 19.43
CA SER A 123 31.19 -23.21 19.26
C SER A 123 31.13 -22.16 18.16
N VAL A 124 30.40 -22.48 17.09
CA VAL A 124 30.23 -21.56 15.97
C VAL A 124 29.07 -20.59 16.16
N LEU A 125 27.95 -21.06 16.72
CA LEU A 125 26.78 -20.21 16.90
C LEU A 125 26.98 -19.20 18.00
N THR A 126 27.74 -19.57 19.03
CA THR A 126 27.76 -18.81 20.27
C THR A 126 28.28 -17.40 20.03
N GLY A 127 27.48 -16.42 20.43
CA GLY A 127 27.81 -15.01 20.16
C GLY A 127 27.58 -14.55 18.72
N ASN A 128 27.26 -15.48 17.81
CA ASN A 128 27.11 -15.13 16.39
C ASN A 128 25.63 -15.00 15.96
N VAL A 129 24.73 -15.41 16.84
CA VAL A 129 23.31 -15.39 16.54
C VAL A 129 22.70 -14.19 17.20
N ILE A 130 21.95 -13.43 16.41
CA ILE A 130 21.18 -12.31 16.92
C ILE A 130 19.70 -12.49 16.50
N ILE A 131 18.80 -12.32 17.47
CA ILE A 131 17.37 -12.27 17.20
C ILE A 131 16.94 -10.83 17.33
N GLU A 132 16.41 -10.30 16.24
CA GLU A 132 15.85 -8.98 16.24
C GLU A 132 14.30 -9.06 16.26
N THR A 133 13.69 -8.44 17.27
CA THR A 133 12.25 -8.55 17.47
C THR A 133 11.56 -7.20 17.27
N LYS A 134 10.55 -7.18 16.40
CA LYS A 134 9.69 -6.01 16.23
C LYS A 134 8.38 -6.29 16.94
N PHE A 135 8.00 -5.39 17.85
CA PHE A 135 6.81 -5.52 18.66
C PHE A 135 5.76 -4.62 18.01
N PHE A 136 4.67 -5.24 17.54
CA PHE A 136 3.62 -4.50 16.83
C PHE A 136 2.29 -4.57 17.56
N ASP A 137 1.52 -3.50 17.42
CA ASP A 137 0.08 -3.59 17.60
C ASP A 137 -0.51 -3.38 16.22
N ASP A 138 -0.95 -4.48 15.62
CA ASP A 138 -1.46 -4.47 14.26
C ASP A 138 -0.41 -3.92 13.27
N ASP A 139 -0.73 -2.74 12.66
CA ASP A 139 0.18 -2.05 11.73
C ASP A 139 1.26 -1.21 12.42
N LEU A 140 0.97 -0.74 13.66
CA LEU A 140 1.89 0.15 14.36
C LEU A 140 3.10 -0.54 14.97
N LEU A 141 4.28 0.05 14.79
CA LEU A 141 5.51 -0.51 15.33
C LEU A 141 5.79 0.12 16.69
N VAL A 142 5.81 -0.72 17.73
CA VAL A 142 5.95 -0.25 19.11
C VAL A 142 7.41 -0.16 19.57
N SER A 143 8.19 -1.20 19.30
CA SER A 143 9.61 -1.17 19.62
C SER A 143 10.33 -2.28 18.88
N THR A 144 11.62 -2.06 18.66
CA THR A 144 12.53 -3.06 18.11
C THR A 144 13.61 -3.32 19.15
N SER A 145 13.89 -4.60 19.41
CA SER A 145 14.95 -4.99 20.33
C SER A 145 15.83 -6.04 19.67
N ARG A 146 17.04 -6.21 20.23
CA ARG A 146 18.00 -7.17 19.73
C ARG A 146 18.57 -7.95 20.89
N VAL A 147 18.62 -9.28 20.75
CA VAL A 147 19.20 -10.16 21.74
C VAL A 147 20.31 -10.95 21.05
N ARG A 148 21.53 -10.88 21.58
CA ARG A 148 22.64 -11.71 21.10
C ARG A 148 22.60 -13.04 21.84
N LEU A 149 22.67 -14.16 21.14
CA LEU A 149 22.60 -15.43 21.86
C LEU A 149 23.97 -16.08 22.00
N PHE A 150 24.23 -16.55 23.22
CA PHE A 150 25.34 -17.44 23.51
C PHE A 150 24.79 -18.81 23.86
N TYR A 151 25.49 -19.85 23.41
CA TYR A 151 25.13 -21.24 23.71
C TYR A 151 26.22 -21.81 24.61
N VAL A 152 25.86 -22.17 25.84
CA VAL A 152 26.87 -22.41 26.87
C VAL A 152 26.81 -23.79 27.52
N SER B 4 1.76 -34.14 -33.39
CA SER B 4 1.62 -33.16 -34.53
C SER B 4 0.25 -32.51 -34.55
N ALA B 5 -0.79 -33.34 -34.48
CA ALA B 5 -2.15 -32.85 -34.32
C ALA B 5 -2.27 -32.29 -32.91
N LYS B 6 -1.64 -32.96 -31.95
CA LYS B 6 -1.55 -32.50 -30.58
C LYS B 6 -0.88 -31.11 -30.52
N ASP B 7 0.28 -30.98 -31.17
CA ASP B 7 1.03 -29.72 -31.29
C ASP B 7 0.16 -28.60 -31.84
N GLU B 8 -0.55 -28.91 -32.94
CA GLU B 8 -1.45 -27.95 -33.58
C GLU B 8 -2.58 -27.51 -32.66
N ARG B 9 -3.19 -28.45 -31.93
CA ARG B 9 -4.30 -28.12 -31.01
C ARG B 9 -3.81 -27.26 -29.85
N ALA B 10 -2.65 -27.61 -29.31
CA ALA B 10 -2.05 -26.85 -28.22
C ALA B 10 -1.81 -25.38 -28.62
N ARG B 11 -1.19 -25.18 -29.78
CA ARG B 11 -0.96 -23.82 -30.30
C ARG B 11 -2.26 -23.06 -30.55
N GLU B 12 -3.30 -23.76 -31.00
CA GLU B 12 -4.63 -23.15 -31.21
C GLU B 12 -5.21 -22.61 -29.88
N ILE B 13 -5.16 -23.46 -28.85
CA ILE B 13 -5.61 -23.06 -27.51
C ILE B 13 -4.81 -21.88 -26.99
N LEU B 14 -3.48 -21.97 -27.08
CA LEU B 14 -2.60 -20.90 -26.63
C LEU B 14 -2.85 -19.58 -27.34
N ARG B 15 -3.06 -19.62 -28.66
CA ARG B 15 -3.40 -18.43 -29.46
C ARG B 15 -4.69 -17.74 -28.96
N GLY B 16 -5.67 -18.54 -28.52
CA GLY B 16 -6.92 -17.97 -28.02
C GLY B 16 -6.96 -17.66 -26.52
N PHE B 17 -5.87 -17.98 -25.83
CA PHE B 17 -5.83 -17.88 -24.36
C PHE B 17 -5.13 -16.60 -23.89
N LYS B 18 -5.74 -15.91 -22.94
CA LYS B 18 -5.02 -14.84 -22.26
C LYS B 18 -5.27 -14.85 -20.78
N LEU B 19 -4.19 -14.65 -20.03
CA LEU B 19 -4.29 -14.34 -18.63
C LEU B 19 -4.41 -12.82 -18.53
N ASN B 20 -5.60 -12.38 -18.14
CA ASN B 20 -5.91 -10.96 -18.07
C ASN B 20 -5.26 -10.29 -16.88
N TRP B 21 -5.38 -10.92 -15.71
CA TRP B 21 -4.67 -10.46 -14.53
C TRP B 21 -4.49 -11.57 -13.52
N MET B 22 -3.59 -11.36 -12.56
CA MET B 22 -3.51 -12.22 -11.40
C MET B 22 -3.53 -11.34 -10.17
N ASN B 23 -4.37 -11.65 -9.19
CA ASN B 23 -4.23 -10.99 -7.89
C ASN B 23 -3.86 -12.03 -6.84
N LEU B 24 -3.07 -11.61 -5.86
CA LEU B 24 -2.94 -12.34 -4.61
C LEU B 24 -3.77 -11.56 -3.63
N ARG B 25 -4.67 -12.25 -2.94
CA ARG B 25 -5.54 -11.62 -1.95
C ARG B 25 -5.34 -12.20 -0.57
N ASP B 26 -5.62 -11.39 0.44
CA ASP B 26 -5.81 -11.87 1.81
C ASP B 26 -7.20 -12.51 1.82
N ALA B 27 -7.22 -13.84 1.95
CA ALA B 27 -8.45 -14.63 1.87
C ALA B 27 -9.49 -14.23 2.93
N GLU B 28 -9.00 -13.82 4.10
CA GLU B 28 -9.85 -13.41 5.22
C GLU B 28 -10.62 -12.10 4.99
N THR B 29 -9.96 -11.11 4.40
CA THR B 29 -10.60 -9.83 4.17
C THR B 29 -10.97 -9.59 2.73
N GLY B 30 -10.40 -10.33 1.79
CA GLY B 30 -10.68 -10.03 0.38
C GLY B 30 -9.77 -8.94 -0.18
N LYS B 31 -8.91 -8.37 0.65
CA LYS B 31 -8.00 -7.29 0.22
C LYS B 31 -6.99 -7.78 -0.82
N ILE B 32 -6.86 -7.02 -1.90
CA ILE B 32 -5.84 -7.31 -2.90
C ILE B 32 -4.45 -6.92 -2.35
N LEU B 33 -3.56 -7.89 -2.25
CA LEU B 33 -2.21 -7.64 -1.75
C LEU B 33 -1.22 -7.36 -2.88
N TRP B 34 -1.46 -7.95 -4.04
CA TRP B 34 -0.61 -7.74 -5.22
C TRP B 34 -1.51 -7.91 -6.43
N GLN B 35 -1.34 -7.04 -7.40
CA GLN B 35 -2.03 -7.18 -8.67
CA GLN B 35 -2.04 -7.13 -8.67
C GLN B 35 -1.02 -7.26 -9.80
N GLY B 36 -1.12 -8.30 -10.60
CA GLY B 36 -0.23 -8.41 -11.75
C GLY B 36 -1.09 -8.32 -12.99
N THR B 37 -0.69 -7.51 -13.97
CA THR B 37 -1.45 -7.42 -15.22
C THR B 37 -0.69 -7.86 -16.48
N GLU B 38 0.47 -8.44 -16.27
CA GLU B 38 1.22 -9.01 -17.38
C GLU B 38 0.64 -10.38 -17.66
N ASP B 39 0.55 -10.76 -18.93
CA ASP B 39 0.10 -12.09 -19.29
C ASP B 39 1.19 -13.12 -18.97
N LEU B 40 1.12 -13.63 -17.76
CA LEU B 40 2.12 -14.57 -17.24
C LEU B 40 2.09 -15.94 -17.92
N SER B 41 1.13 -16.13 -18.84
CA SER B 41 0.96 -17.40 -19.56
C SER B 41 1.81 -17.53 -20.84
N VAL B 42 2.37 -16.44 -21.31
CA VAL B 42 3.22 -16.42 -22.51
C VAL B 42 4.56 -17.16 -22.29
N PRO B 43 4.85 -18.19 -23.11
CA PRO B 43 6.12 -18.94 -23.01
C PRO B 43 7.33 -18.20 -23.60
N GLY B 44 8.53 -18.71 -23.36
CA GLY B 44 9.73 -18.18 -24.03
C GLY B 44 10.26 -16.85 -23.54
N VAL B 45 9.59 -16.21 -22.58
CA VAL B 45 10.18 -15.09 -21.85
C VAL B 45 10.20 -15.36 -20.35
N GLU B 46 11.22 -14.87 -19.64
CA GLU B 46 11.19 -14.93 -18.18
C GLU B 46 10.46 -13.68 -17.72
N HIS B 47 9.27 -13.86 -17.17
CA HIS B 47 8.49 -12.77 -16.61
C HIS B 47 9.04 -12.51 -15.21
N GLU B 48 8.67 -11.38 -14.63
CA GLU B 48 9.07 -11.03 -13.27
C GLU B 48 7.81 -10.60 -12.53
N ALA B 49 7.75 -10.92 -11.24
CA ALA B 49 6.71 -10.39 -10.39
C ALA B 49 7.38 -9.77 -9.16
N ARG B 50 7.00 -8.54 -8.86
CA ARG B 50 7.48 -7.86 -7.67
C ARG B 50 6.38 -7.89 -6.61
N VAL B 51 6.37 -8.94 -5.81
CA VAL B 51 5.36 -9.09 -4.77
C VAL B 51 5.79 -8.45 -3.43
N PRO B 52 4.83 -7.83 -2.71
CA PRO B 52 5.17 -7.20 -1.43
C PRO B 52 5.65 -8.22 -0.42
N LYS B 53 6.75 -7.92 0.24
CA LYS B 53 7.27 -8.81 1.27
C LYS B 53 6.23 -9.15 2.36
N LYS B 54 5.28 -8.25 2.62
CA LYS B 54 4.19 -8.52 3.59
C LYS B 54 3.36 -9.79 3.29
N ILE B 55 3.40 -10.26 2.04
CA ILE B 55 2.77 -11.53 1.70
C ILE B 55 3.20 -12.69 2.64
N LEU B 56 4.46 -12.72 3.01
CA LEU B 56 5.01 -13.87 3.75
C LEU B 56 4.40 -14.05 5.16
N LYS B 57 3.83 -12.98 5.72
CA LYS B 57 3.17 -13.07 7.03
CA LYS B 57 3.17 -13.08 7.04
CA LYS B 57 3.17 -13.09 7.03
C LYS B 57 1.64 -13.18 6.94
N CYS B 58 1.12 -13.21 5.72
CA CYS B 58 -0.33 -13.37 5.53
C CYS B 58 -0.72 -14.81 5.86
N LYS B 59 -1.73 -14.95 6.72
CA LYS B 59 -2.18 -16.25 7.23
C LYS B 59 -2.81 -17.15 6.15
N ALA B 60 -3.46 -16.54 5.16
CA ALA B 60 -4.07 -17.31 4.09
C ALA B 60 -4.16 -16.44 2.87
N VAL B 61 -3.58 -16.93 1.78
CA VAL B 61 -3.46 -16.19 0.54
C VAL B 61 -4.23 -16.92 -0.55
N SER B 62 -5.27 -16.27 -1.09
CA SER B 62 -5.93 -16.78 -2.27
C SER B 62 -5.30 -16.21 -3.55
N ARG B 63 -5.21 -17.07 -4.56
CA ARG B 63 -4.69 -16.70 -5.87
C ARG B 63 -5.84 -16.49 -6.84
N GLU B 64 -6.04 -15.27 -7.30
CA GLU B 64 -7.06 -14.99 -8.29
C GLU B 64 -6.45 -14.86 -9.70
N LEU B 65 -6.94 -15.67 -10.64
CA LEU B 65 -6.56 -15.59 -12.04
C LEU B 65 -7.81 -15.25 -12.85
N ASN B 66 -7.73 -14.23 -13.70
CA ASN B 66 -8.83 -14.00 -14.64
C ASN B 66 -8.29 -14.28 -16.02
N PHE B 67 -8.93 -15.20 -16.74
CA PHE B 67 -8.44 -15.62 -18.05
C PHE B 67 -9.58 -15.70 -19.07
N SER B 68 -9.26 -15.43 -20.34
CA SER B 68 -10.22 -15.59 -21.45
C SER B 68 -9.70 -16.71 -22.35
N SER B 69 -10.61 -17.45 -22.94
CA SER B 69 -10.24 -18.54 -23.86
C SER B 69 -11.20 -18.61 -25.03
N THR B 70 -10.71 -18.42 -26.24
CA THR B 70 -11.57 -18.61 -27.41
C THR B 70 -11.90 -20.10 -27.54
N GLU B 71 -10.92 -20.96 -27.31
CA GLU B 71 -11.13 -22.40 -27.42
C GLU B 71 -11.78 -23.01 -26.19
N GLN B 72 -12.60 -24.03 -26.41
CA GLN B 72 -13.11 -24.86 -25.33
C GLN B 72 -12.01 -25.71 -24.73
N MET B 73 -12.05 -25.88 -23.41
CA MET B 73 -11.14 -26.82 -22.75
C MET B 73 -11.92 -27.74 -21.85
N GLU B 74 -11.62 -29.03 -21.93
CA GLU B 74 -12.35 -30.03 -21.19
C GLU B 74 -11.91 -30.04 -19.73
N LYS B 75 -10.62 -29.87 -19.47
CA LYS B 75 -10.10 -29.95 -18.09
C LYS B 75 -8.89 -29.04 -17.91
N PHE B 76 -9.15 -27.74 -17.91
CA PHE B 76 -8.10 -26.74 -17.74
C PHE B 76 -7.49 -26.87 -16.34
N ARG B 77 -6.16 -26.94 -16.26
CA ARG B 77 -5.52 -27.09 -14.96
C ARG B 77 -4.09 -26.56 -15.00
N LEU B 78 -3.53 -26.27 -13.82
CA LEU B 78 -2.17 -25.78 -13.72
C LEU B 78 -1.31 -26.72 -12.90
N GLU B 79 -0.04 -26.84 -13.28
CA GLU B 79 0.96 -27.46 -12.41
C GLU B 79 2.02 -26.41 -12.18
N GLN B 80 2.26 -26.05 -10.93
CA GLN B 80 3.26 -25.02 -10.65
C GLN B 80 4.36 -25.57 -9.78
N LYS B 81 5.59 -25.43 -10.25
CA LYS B 81 6.76 -25.93 -9.56
C LYS B 81 7.57 -24.71 -9.18
N VAL B 82 7.88 -24.62 -7.88
CA VAL B 82 8.53 -23.45 -7.31
C VAL B 82 9.97 -23.87 -7.06
N TYR B 83 10.90 -23.16 -7.69
CA TYR B 83 12.32 -23.44 -7.57
C TYR B 83 12.97 -22.34 -6.76
N PHE B 84 13.78 -22.74 -5.78
CA PHE B 84 14.64 -21.82 -5.04
C PHE B 84 16.11 -22.14 -5.35
N LYS B 85 16.82 -21.19 -5.95
CA LYS B 85 18.21 -21.41 -6.40
C LYS B 85 18.34 -22.74 -7.15
N GLY B 86 17.49 -22.91 -8.16
CA GLY B 86 17.49 -24.12 -9.00
C GLY B 86 16.87 -25.38 -8.43
N GLN B 87 16.48 -25.36 -7.16
CA GLN B 87 16.03 -26.59 -6.49
C GLN B 87 14.56 -26.48 -6.13
N CYS B 88 13.82 -27.58 -6.37
CA CYS B 88 12.37 -27.60 -6.13
C CYS B 88 12.01 -27.52 -4.67
N LEU B 89 11.35 -26.41 -4.33
CA LEU B 89 10.92 -26.10 -2.98
C LEU B 89 9.54 -26.69 -2.70
N GLU B 90 8.62 -26.60 -3.66
CA GLU B 90 7.23 -26.99 -3.44
C GLU B 90 6.50 -27.08 -4.78
N GLU B 91 5.39 -27.81 -4.77
CA GLU B 91 4.62 -28.04 -5.98
C GLU B 91 3.17 -27.73 -5.70
N TRP B 92 2.49 -27.08 -6.64
CA TRP B 92 1.07 -26.81 -6.48
C TRP B 92 0.34 -27.32 -7.71
N PHE B 93 -0.84 -27.89 -7.50
CA PHE B 93 -1.70 -28.31 -8.60
C PHE B 93 -3.08 -27.69 -8.38
N PHE B 94 -3.59 -27.02 -9.41
CA PHE B 94 -4.87 -26.35 -9.34
C PHE B 94 -5.69 -26.72 -10.58
N GLU B 95 -6.82 -27.40 -10.40
CA GLU B 95 -7.74 -27.66 -11.50
CA GLU B 95 -7.74 -27.67 -11.50
C GLU B 95 -8.88 -26.66 -11.53
N PHE B 96 -9.17 -26.16 -12.72
CA PHE B 96 -10.33 -25.33 -12.97
C PHE B 96 -11.50 -26.19 -13.48
N GLY B 97 -11.23 -27.02 -14.50
CA GLY B 97 -12.24 -27.87 -15.11
C GLY B 97 -12.67 -27.40 -16.47
N PHE B 98 -13.96 -27.56 -16.77
CA PHE B 98 -14.47 -27.34 -18.10
C PHE B 98 -14.46 -25.83 -18.42
N VAL B 99 -13.87 -25.44 -19.55
CA VAL B 99 -13.88 -24.03 -19.95
C VAL B 99 -14.73 -23.86 -21.20
N ILE B 100 -15.69 -22.95 -21.11
CA ILE B 100 -16.59 -22.64 -22.21
C ILE B 100 -15.87 -21.84 -23.30
N PRO B 101 -16.04 -22.22 -24.59
CA PRO B 101 -15.45 -21.45 -25.69
C PRO B 101 -15.87 -19.99 -25.60
N ASN B 102 -14.96 -19.07 -25.92
CA ASN B 102 -15.18 -17.62 -25.85
C ASN B 102 -15.56 -17.07 -24.48
N SER B 103 -15.18 -17.77 -23.41
CA SER B 103 -15.53 -17.31 -22.07
C SER B 103 -14.39 -16.50 -21.42
N THR B 104 -14.76 -15.75 -20.40
CA THR B 104 -13.84 -15.06 -19.52
C THR B 104 -14.26 -15.51 -18.13
N ASN B 105 -13.28 -15.88 -17.31
CA ASN B 105 -13.52 -16.55 -16.04
C ASN B 105 -12.63 -15.97 -14.94
N THR B 106 -13.22 -15.64 -13.80
CA THR B 106 -12.48 -15.28 -12.61
C THR B 106 -12.34 -16.53 -11.73
N TRP B 107 -11.10 -16.93 -11.44
CA TRP B 107 -10.83 -18.17 -10.75
C TRP B 107 -9.99 -17.93 -9.49
N GLN B 108 -10.56 -18.14 -8.30
CA GLN B 108 -9.73 -18.08 -7.07
C GLN B 108 -9.35 -19.46 -6.61
N SER B 109 -8.09 -19.60 -6.19
CA SER B 109 -7.63 -20.86 -5.64
C SER B 109 -7.11 -20.62 -4.24
N LEU B 110 -7.50 -21.50 -3.31
CA LEU B 110 -6.96 -21.44 -1.95
C LEU B 110 -6.49 -22.80 -1.48
N ILE B 111 -5.27 -22.83 -0.94
CA ILE B 111 -4.78 -24.00 -0.24
C ILE B 111 -4.95 -23.69 1.24
N GLU B 112 -5.94 -24.31 1.87
CA GLU B 112 -6.21 -24.05 3.27
C GLU B 112 -5.21 -24.86 4.09
N ALA B 113 -4.35 -24.17 4.84
CA ALA B 113 -3.34 -24.82 5.67
C ALA B 113 -3.06 -23.94 6.88
N ALA B 114 -2.44 -24.52 7.92
CA ALA B 114 -2.03 -23.76 9.10
C ALA B 114 -1.08 -22.65 8.65
N PRO B 115 -1.24 -21.43 9.19
CA PRO B 115 -0.24 -20.43 8.81
C PRO B 115 1.15 -20.91 9.27
N GLU B 116 2.21 -20.55 8.56
CA GLU B 116 3.55 -20.96 8.94
C GLU B 116 4.20 -19.80 9.69
N SER B 117 4.57 -20.06 10.93
CA SER B 117 5.21 -19.05 11.78
CA SER B 117 5.21 -19.05 11.77
C SER B 117 6.70 -18.86 11.46
N GLN B 118 7.31 -19.85 10.82
CA GLN B 118 8.74 -19.81 10.50
C GLN B 118 8.91 -19.88 8.99
N MET B 119 9.43 -18.78 8.43
CA MET B 119 9.53 -18.56 6.99
C MET B 119 10.95 -18.21 6.60
N MET B 120 11.28 -18.43 5.33
CA MET B 120 12.50 -17.89 4.78
C MET B 120 12.42 -16.37 4.64
N PRO B 121 13.51 -15.67 4.94
CA PRO B 121 13.55 -14.21 4.81
C PRO B 121 13.23 -13.76 3.39
N ALA B 122 12.49 -12.66 3.27
CA ALA B 122 12.29 -11.96 1.99
C ALA B 122 13.64 -11.72 1.28
N SER B 123 14.63 -11.27 2.05
CA SER B 123 15.96 -10.92 1.52
C SER B 123 16.70 -12.10 0.91
N VAL B 124 16.33 -13.31 1.32
CA VAL B 124 16.89 -14.57 0.82
C VAL B 124 16.10 -15.09 -0.39
N LEU B 125 14.76 -15.08 -0.28
CA LEU B 125 13.90 -15.47 -1.40
C LEU B 125 13.99 -14.60 -2.64
N THR B 126 14.14 -13.29 -2.45
CA THR B 126 13.93 -12.35 -3.51
C THR B 126 14.91 -12.54 -4.67
N GLY B 127 14.38 -12.74 -5.88
CA GLY B 127 15.22 -12.91 -7.07
C GLY B 127 15.71 -14.34 -7.24
N ASN B 128 15.45 -15.18 -6.25
CA ASN B 128 16.00 -16.54 -6.23
C ASN B 128 14.90 -17.59 -6.40
N VAL B 129 13.66 -17.10 -6.52
CA VAL B 129 12.51 -17.98 -6.69
C VAL B 129 12.02 -17.87 -8.14
N ILE B 130 11.86 -19.02 -8.78
CA ILE B 130 11.25 -19.09 -10.10
C ILE B 130 10.03 -19.98 -10.01
N ILE B 131 8.90 -19.52 -10.53
CA ILE B 131 7.71 -20.37 -10.63
C ILE B 131 7.55 -20.86 -12.07
N GLU B 132 7.63 -22.17 -12.26
CA GLU B 132 7.39 -22.74 -13.58
C GLU B 132 5.96 -23.28 -13.62
N THR B 133 5.15 -22.73 -14.52
CA THR B 133 3.74 -23.11 -14.59
C THR B 133 3.47 -23.84 -15.89
N LYS B 134 2.92 -25.04 -15.78
CA LYS B 134 2.47 -25.76 -16.96
C LYS B 134 0.95 -25.61 -17.02
N PHE B 135 0.47 -25.14 -18.18
CA PHE B 135 -0.95 -24.95 -18.43
C PHE B 135 -1.38 -26.16 -19.24
N PHE B 136 -2.32 -26.93 -18.70
CA PHE B 136 -2.82 -28.13 -19.39
C PHE B 136 -4.29 -28.04 -19.69
N ASP B 137 -4.69 -28.61 -20.83
CA ASP B 137 -6.06 -29.10 -20.97
C ASP B 137 -5.99 -30.61 -20.87
N ASP B 138 -6.39 -31.14 -19.71
CA ASP B 138 -6.31 -32.57 -19.41
C ASP B 138 -4.84 -33.03 -19.45
N ASP B 139 -4.46 -33.89 -20.39
CA ASP B 139 -3.02 -34.20 -20.52
C ASP B 139 -2.31 -33.44 -21.64
N LEU B 140 -3.00 -32.50 -22.28
CA LEU B 140 -2.39 -31.72 -23.33
C LEU B 140 -1.71 -30.47 -22.79
N LEU B 141 -0.39 -30.41 -22.90
CA LEU B 141 0.38 -29.25 -22.49
C LEU B 141 0.24 -28.07 -23.47
N VAL B 142 -0.37 -26.99 -23.00
CA VAL B 142 -0.68 -25.83 -23.82
C VAL B 142 0.46 -24.82 -23.78
N SER B 143 1.06 -24.65 -22.60
CA SER B 143 2.07 -23.62 -22.38
C SER B 143 2.88 -23.93 -21.13
N THR B 144 4.13 -23.49 -21.12
CA THR B 144 4.98 -23.53 -19.93
C THR B 144 5.56 -22.13 -19.85
N SER B 145 5.29 -21.44 -18.75
CA SER B 145 5.85 -20.12 -18.51
C SER B 145 6.74 -20.15 -17.26
N ARG B 146 7.64 -19.18 -17.13
CA ARG B 146 8.47 -19.04 -15.92
C ARG B 146 8.34 -17.62 -15.37
N VAL B 147 8.21 -17.49 -14.06
CA VAL B 147 8.15 -16.16 -13.42
C VAL B 147 9.17 -16.10 -12.29
N ARG B 148 10.06 -15.11 -12.33
CA ARG B 148 11.00 -14.91 -11.24
C ARG B 148 10.38 -14.00 -10.19
N LEU B 149 10.40 -14.41 -8.92
CA LEU B 149 9.80 -13.61 -7.86
C LEU B 149 10.80 -12.72 -7.13
N PHE B 150 10.43 -11.44 -7.04
CA PHE B 150 11.08 -10.48 -6.17
C PHE B 150 10.10 -10.14 -5.04
N TYR B 151 10.62 -9.99 -3.81
CA TYR B 151 9.82 -9.65 -2.63
C TYR B 151 10.25 -8.27 -2.18
N VAL B 152 9.37 -7.28 -2.40
CA VAL B 152 9.74 -5.87 -2.28
CA VAL B 152 9.72 -5.86 -2.30
C VAL B 152 8.94 -5.10 -1.20
N SER C 4 18.61 -0.22 7.61
CA SER C 4 17.55 0.29 6.67
C SER C 4 18.19 1.02 5.49
N ALA C 5 18.11 0.40 4.32
CA ALA C 5 18.75 0.91 3.10
C ALA C 5 18.13 2.21 2.59
N LYS C 6 16.80 2.28 2.65
CA LYS C 6 16.05 3.47 2.24
C LYS C 6 16.49 4.70 3.02
N ASP C 7 16.65 4.52 4.34
CA ASP C 7 17.19 5.58 5.21
C ASP C 7 18.61 6.02 4.83
N GLU C 8 19.44 5.05 4.45
CA GLU C 8 20.82 5.35 4.00
C GLU C 8 20.81 6.17 2.71
N ARG C 9 19.98 5.77 1.76
CA ARG C 9 19.82 6.48 0.50
C ARG C 9 19.27 7.91 0.70
N ALA C 10 18.25 8.03 1.54
CA ALA C 10 17.65 9.32 1.86
C ALA C 10 18.68 10.30 2.43
N ARG C 11 19.50 9.84 3.37
CA ARG C 11 20.58 10.67 3.91
C ARG C 11 21.65 11.04 2.89
N GLU C 12 21.99 10.13 1.97
CA GLU C 12 22.96 10.46 0.94
C GLU C 12 22.42 11.53 -0.01
N ILE C 13 21.18 11.41 -0.43
CA ILE C 13 20.59 12.41 -1.32
C ILE C 13 20.62 13.75 -0.60
N LEU C 14 20.14 13.74 0.64
CA LEU C 14 20.07 14.96 1.44
C LEU C 14 21.42 15.63 1.59
N ARG C 15 22.48 14.87 1.85
CA ARG C 15 23.82 15.46 2.02
CA ARG C 15 23.83 15.43 2.02
C ARG C 15 24.37 16.07 0.73
N GLY C 16 23.93 15.56 -0.42
CA GLY C 16 24.34 16.16 -1.69
C GLY C 16 23.38 17.22 -2.24
N PHE C 17 22.33 17.54 -1.48
CA PHE C 17 21.26 18.40 -2.01
C PHE C 17 21.29 19.78 -1.40
N LYS C 18 21.13 20.82 -2.23
CA LYS C 18 20.96 22.16 -1.67
C LYS C 18 20.02 23.01 -2.51
N LEU C 19 19.26 23.85 -1.85
CA LEU C 19 18.51 24.89 -2.55
C LEU C 19 19.36 26.16 -2.60
N ASN C 20 19.77 26.56 -3.79
CA ASN C 20 20.65 27.73 -3.99
C ASN C 20 19.94 29.06 -3.84
N TRP C 21 18.77 29.18 -4.48
CA TRP C 21 17.92 30.37 -4.35
C TRP C 21 16.50 30.10 -4.84
N MET C 22 15.62 31.07 -4.57
CA MET C 22 14.23 30.99 -4.98
C MET C 22 13.74 32.40 -5.26
N ASN C 23 13.02 32.55 -6.38
CA ASN C 23 12.42 33.79 -6.84
C ASN C 23 10.91 33.61 -6.77
N LEU C 24 10.19 34.69 -6.48
CA LEU C 24 8.75 34.78 -6.75
C LEU C 24 8.50 35.96 -7.66
N ARG C 25 7.68 35.72 -8.68
CA ARG C 25 7.34 36.72 -9.69
C ARG C 25 5.84 36.82 -9.86
N ASP C 26 5.37 38.03 -10.14
CA ASP C 26 4.01 38.21 -10.59
C ASP C 26 3.88 37.46 -11.92
N ALA C 27 2.93 36.53 -11.99
CA ALA C 27 2.79 35.67 -13.18
C ALA C 27 2.22 36.42 -14.37
N GLU C 28 1.43 37.46 -14.09
CA GLU C 28 0.84 38.24 -15.17
C GLU C 28 1.81 39.28 -15.75
N THR C 29 2.72 39.81 -14.94
CA THR C 29 3.64 40.83 -15.43
C THR C 29 5.08 40.39 -15.62
N GLY C 30 5.47 39.28 -15.01
CA GLY C 30 6.86 38.80 -15.06
C GLY C 30 7.78 39.54 -14.10
N LYS C 31 7.24 40.49 -13.33
CA LYS C 31 8.02 41.30 -12.42
C LYS C 31 8.40 40.50 -11.17
N ILE C 32 9.60 40.81 -10.64
CA ILE C 32 10.12 40.15 -9.45
C ILE C 32 9.48 40.73 -8.20
N LEU C 33 9.09 39.87 -7.28
CA LEU C 33 8.46 40.32 -6.04
C LEU C 33 9.38 40.03 -4.88
N TRP C 34 10.20 39.00 -5.03
CA TRP C 34 11.00 38.50 -3.93
C TRP C 34 12.02 37.48 -4.42
N GLN C 35 13.25 37.64 -3.95
CA GLN C 35 14.33 36.71 -4.22
C GLN C 35 14.82 36.29 -2.84
N GLY C 36 14.73 35.00 -2.53
CA GLY C 36 15.31 34.48 -1.30
C GLY C 36 16.57 33.71 -1.63
N THR C 37 17.62 33.86 -0.83
CA THR C 37 18.88 33.17 -1.13
C THR C 37 19.35 32.25 0.01
N GLU C 38 18.47 31.99 0.96
CA GLU C 38 18.73 31.03 2.03
C GLU C 38 18.49 29.62 1.52
N ASP C 39 19.16 28.63 2.11
CA ASP C 39 18.78 27.26 1.82
C ASP C 39 17.59 26.86 2.66
N LEU C 40 16.40 27.08 2.08
CA LEU C 40 15.12 26.82 2.75
C LEU C 40 14.77 25.34 2.85
N SER C 41 15.64 24.47 2.34
CA SER C 41 15.41 23.02 2.39
C SER C 41 16.01 22.32 3.62
N VAL C 42 16.91 22.99 4.33
CA VAL C 42 17.58 22.39 5.50
C VAL C 42 16.58 22.06 6.61
N PRO C 43 16.52 20.77 7.01
CA PRO C 43 15.63 20.35 8.09
C PRO C 43 16.19 20.75 9.46
N GLY C 44 15.30 20.98 10.43
CA GLY C 44 15.69 21.29 11.81
C GLY C 44 15.53 22.75 12.20
N VAL C 45 16.17 23.65 11.45
CA VAL C 45 16.07 25.09 11.68
C VAL C 45 14.73 25.64 11.21
N GLU C 46 14.13 26.57 11.96
CA GLU C 46 12.96 27.28 11.42
C GLU C 46 13.40 28.46 10.57
N HIS C 47 13.16 28.34 9.27
CA HIS C 47 13.51 29.40 8.34
C HIS C 47 12.40 30.43 8.37
N GLU C 48 12.73 31.63 7.92
CA GLU C 48 11.74 32.69 7.84
C GLU C 48 11.94 33.35 6.50
N ALA C 49 10.84 33.76 5.88
CA ALA C 49 10.90 34.52 4.64
C ALA C 49 10.04 35.77 4.81
N ARG C 50 10.58 36.90 4.39
CA ARG C 50 9.82 38.12 4.49
C ARG C 50 9.50 38.57 3.09
N VAL C 51 8.24 38.37 2.72
CA VAL C 51 7.77 38.67 1.36
C VAL C 51 6.99 40.00 1.35
N PRO C 52 7.13 40.80 0.28
CA PRO C 52 6.36 42.06 0.31
C PRO C 52 4.87 41.81 0.15
N LYS C 53 4.08 42.57 0.91
CA LYS C 53 2.63 42.34 1.01
C LYS C 53 1.89 42.49 -0.30
N LYS C 54 2.46 43.22 -1.26
CA LYS C 54 1.91 43.32 -2.62
C LYS C 54 1.62 41.94 -3.24
N ILE C 55 2.39 40.92 -2.87
CA ILE C 55 2.18 39.55 -3.33
C ILE C 55 0.73 39.09 -3.16
N LEU C 56 0.08 39.59 -2.11
CA LEU C 56 -1.31 39.24 -1.82
C LEU C 56 -2.29 39.73 -2.88
N LYS C 57 -1.85 40.66 -3.71
CA LYS C 57 -2.69 41.24 -4.76
C LYS C 57 -2.58 40.51 -6.10
N CYS C 58 -1.61 39.59 -6.23
CA CYS C 58 -1.45 38.80 -7.46
C CYS C 58 -2.51 37.71 -7.59
N LYS C 59 -3.03 37.54 -8.81
CA LYS C 59 -3.89 36.40 -9.17
C LYS C 59 -3.08 35.10 -9.13
N ALA C 60 -1.83 35.17 -9.58
CA ALA C 60 -0.93 34.04 -9.63
C ALA C 60 0.54 34.47 -9.51
N VAL C 61 1.32 33.61 -8.89
CA VAL C 61 2.75 33.79 -8.72
C VAL C 61 3.51 32.66 -9.43
N SER C 62 4.55 33.04 -10.17
CA SER C 62 5.52 32.09 -10.68
C SER C 62 6.63 31.93 -9.63
N ARG C 63 6.85 30.70 -9.21
CA ARG C 63 7.94 30.40 -8.30
C ARG C 63 9.08 29.76 -9.09
N GLU C 64 10.29 30.30 -8.95
CA GLU C 64 11.48 29.71 -9.56
C GLU C 64 12.39 29.21 -8.44
N LEU C 65 12.63 27.89 -8.41
CA LEU C 65 13.54 27.26 -7.48
C LEU C 65 14.80 26.84 -8.20
N ASN C 66 15.94 27.09 -7.57
CA ASN C 66 17.22 26.65 -8.16
C ASN C 66 17.89 25.77 -7.14
N PHE C 67 18.18 24.54 -7.52
CA PHE C 67 18.70 23.59 -6.58
C PHE C 67 19.78 22.76 -7.27
N SER C 68 20.71 22.24 -6.47
CA SER C 68 21.76 21.34 -6.94
C SER C 68 21.66 20.02 -6.21
N SER C 69 22.10 18.94 -6.85
CA SER C 69 22.05 17.59 -6.29
C SER C 69 23.25 16.84 -6.86
N THR C 70 24.03 16.23 -5.97
CA THR C 70 25.12 15.36 -6.40
C THR C 70 24.55 14.00 -6.76
N GLU C 71 23.48 13.59 -6.07
CA GLU C 71 22.85 12.31 -6.33
C GLU C 71 21.77 12.37 -7.41
N GLN C 72 21.65 11.25 -8.10
CA GLN C 72 20.58 11.08 -9.06
C GLN C 72 19.26 10.95 -8.33
N MET C 73 18.20 11.50 -8.91
CA MET C 73 16.87 11.23 -8.43
C MET C 73 16.00 10.82 -9.59
N GLU C 74 15.16 9.81 -9.39
CA GLU C 74 14.28 9.32 -10.44
C GLU C 74 13.04 10.17 -10.61
N LYS C 75 12.51 10.67 -9.48
CA LYS C 75 11.28 11.45 -9.47
C LYS C 75 11.27 12.44 -8.29
N PHE C 76 12.06 13.49 -8.41
CA PHE C 76 12.09 14.55 -7.41
C PHE C 76 10.75 15.28 -7.42
N ARG C 77 10.15 15.41 -6.25
CA ARG C 77 8.87 16.10 -6.12
C ARG C 77 8.71 16.68 -4.72
N LEU C 78 7.79 17.61 -4.61
CA LEU C 78 7.45 18.24 -3.34
C LEU C 78 6.00 18.05 -2.97
N GLU C 79 5.75 17.81 -1.68
CA GLU C 79 4.42 17.98 -1.11
C GLU C 79 4.55 19.09 -0.09
N GLN C 80 3.70 20.10 -0.24
CA GLN C 80 3.76 21.28 0.63
C GLN C 80 2.40 21.50 1.29
N LYS C 81 2.42 21.77 2.59
CA LYS C 81 1.20 22.13 3.32
C LYS C 81 1.34 23.55 3.82
N VAL C 82 0.32 24.36 3.57
CA VAL C 82 0.28 25.72 4.03
C VAL C 82 -0.62 25.73 5.27
N TYR C 83 -0.06 26.17 6.40
CA TYR C 83 -0.75 26.28 7.68
C TYR C 83 -0.99 27.75 8.07
N PHE C 84 -2.15 28.02 8.65
CA PHE C 84 -2.37 29.30 9.33
C PHE C 84 -2.65 28.95 10.78
N LYS C 85 -1.75 29.34 11.68
CA LYS C 85 -1.81 29.02 13.13
C LYS C 85 -2.13 27.55 13.43
N GLY C 86 -1.38 26.64 12.81
CA GLY C 86 -1.54 25.22 13.08
C GLY C 86 -2.70 24.56 12.36
N GLN C 87 -3.49 25.33 11.62
CA GLN C 87 -4.52 24.68 10.80
C GLN C 87 -4.18 24.65 9.29
N CYS C 88 -4.13 23.44 8.75
CA CYS C 88 -3.79 23.23 7.34
C CYS C 88 -4.88 23.76 6.41
N LEU C 89 -4.50 24.70 5.55
CA LEU C 89 -5.39 25.42 4.66
C LEU C 89 -5.41 24.86 3.24
N GLU C 90 -4.28 24.31 2.80
CA GLU C 90 -4.11 23.88 1.41
C GLU C 90 -2.91 22.94 1.32
N GLU C 91 -2.93 22.05 0.34
CA GLU C 91 -1.81 21.16 0.10
C GLU C 91 -1.37 21.31 -1.36
N TRP C 92 -0.07 21.46 -1.59
CA TRP C 92 0.50 21.61 -2.92
C TRP C 92 1.30 20.39 -3.32
N PHE C 93 1.14 19.98 -4.58
CA PHE C 93 1.91 18.89 -5.17
C PHE C 93 2.61 19.40 -6.42
N PHE C 94 3.94 19.41 -6.40
CA PHE C 94 4.73 19.81 -7.56
C PHE C 94 5.69 18.67 -7.90
N GLU C 95 5.88 18.41 -9.19
CA GLU C 95 6.80 17.37 -9.63
C GLU C 95 7.81 17.91 -10.64
N PHE C 96 9.07 17.59 -10.39
CA PHE C 96 10.18 17.93 -11.27
C PHE C 96 10.59 16.74 -12.13
N GLY C 97 10.67 15.55 -11.52
CA GLY C 97 11.03 14.36 -12.30
C GLY C 97 12.49 13.99 -12.15
N PHE C 98 13.12 13.57 -13.27
CA PHE C 98 14.48 13.06 -13.27
C PHE C 98 15.49 14.15 -12.96
N VAL C 99 16.38 13.86 -12.02
CA VAL C 99 17.46 14.79 -11.67
C VAL C 99 18.80 14.11 -12.01
N ILE C 100 19.55 14.72 -12.94
CA ILE C 100 20.88 14.22 -13.32
C ILE C 100 21.84 14.38 -12.14
N PRO C 101 22.64 13.35 -11.83
CA PRO C 101 23.64 13.52 -10.76
C PRO C 101 24.62 14.64 -11.09
N ASN C 102 25.03 15.38 -10.05
CA ASN C 102 25.98 16.48 -10.17
C ASN C 102 25.47 17.60 -11.09
N SER C 103 24.24 18.04 -10.88
CA SER C 103 23.59 19.01 -11.74
C SER C 103 23.02 20.15 -10.91
N THR C 104 22.84 21.29 -11.56
CA THR C 104 22.07 22.41 -10.99
C THR C 104 20.79 22.50 -11.81
N ASN C 105 19.71 22.88 -11.16
CA ASN C 105 18.41 22.74 -11.75
C ASN C 105 17.55 23.93 -11.46
N THR C 106 16.88 24.43 -12.50
CA THR C 106 15.90 25.51 -12.40
C THR C 106 14.47 24.98 -12.65
N TRP C 107 13.59 25.20 -11.67
CA TRP C 107 12.26 24.62 -11.69
C TRP C 107 11.27 25.76 -11.51
N GLN C 108 10.47 26.03 -12.55
CA GLN C 108 9.43 27.06 -12.49
C GLN C 108 8.04 26.46 -12.40
N SER C 109 7.29 26.89 -11.38
CA SER C 109 5.91 26.41 -11.15
C SER C 109 4.97 27.59 -10.95
N LEU C 110 3.68 27.35 -11.17
CA LEU C 110 2.68 28.41 -11.05
C LEU C 110 1.84 28.13 -9.81
N ILE C 111 1.62 29.17 -9.01
CA ILE C 111 0.83 29.05 -7.79
C ILE C 111 -0.27 30.10 -7.89
N GLU C 112 -1.51 29.63 -7.92
CA GLU C 112 -2.64 30.53 -8.11
C GLU C 112 -3.23 30.93 -6.76
N ALA C 113 -3.53 32.22 -6.60
CA ALA C 113 -4.07 32.72 -5.33
C ALA C 113 -5.59 32.54 -5.28
N ALA C 114 -6.13 32.35 -4.08
CA ALA C 114 -7.57 32.31 -3.85
C ALA C 114 -8.22 33.66 -4.21
N PRO C 115 -9.53 33.66 -4.57
CA PRO C 115 -10.30 34.85 -4.93
C PRO C 115 -10.00 36.09 -4.08
N GLU C 116 -10.09 37.27 -4.70
CA GLU C 116 -9.90 38.56 -4.01
C GLU C 116 -10.93 38.80 -2.91
N SER C 117 -12.01 38.00 -2.95
CA SER C 117 -12.97 37.90 -1.84
C SER C 117 -12.32 37.14 -0.69
N GLN C 118 -11.66 36.03 -1.02
CA GLN C 118 -11.05 35.12 -0.05
C GLN C 118 -9.68 35.61 0.47
N MET C 119 -9.43 36.92 0.41
CA MET C 119 -8.10 37.48 0.73
C MET C 119 -8.00 38.28 2.03
N MET C 120 -7.28 37.68 2.99
CA MET C 120 -7.00 38.30 4.29
C MET C 120 -5.98 39.42 4.16
N PRO C 121 -5.92 40.33 5.16
CA PRO C 121 -4.91 41.39 5.10
C PRO C 121 -3.54 40.90 5.55
N ALA C 122 -2.50 41.60 5.09
CA ALA C 122 -1.12 41.30 5.46
C ALA C 122 -0.91 41.22 6.97
N SER C 123 -1.57 42.13 7.71
CA SER C 123 -1.40 42.22 9.16
C SER C 123 -1.82 40.95 9.90
N VAL C 124 -2.83 40.26 9.37
CA VAL C 124 -3.36 39.03 9.95
C VAL C 124 -2.44 37.84 9.64
N LEU C 125 -2.01 37.76 8.38
CA LEU C 125 -1.21 36.64 7.89
C LEU C 125 0.21 36.65 8.43
N THR C 126 0.78 37.84 8.57
CA THR C 126 2.22 37.96 8.80
C THR C 126 2.65 37.24 10.07
N GLY C 127 3.64 36.35 9.93
CA GLY C 127 4.13 35.60 11.07
C GLY C 127 3.28 34.40 11.45
N ASN C 128 2.08 34.31 10.85
CA ASN C 128 1.12 33.25 11.18
C ASN C 128 0.98 32.13 10.14
N VAL C 129 1.65 32.25 9.01
CA VAL C 129 1.61 31.23 7.94
C VAL C 129 2.92 30.44 7.95
N ILE C 130 2.82 29.11 7.96
CA ILE C 130 3.98 28.21 7.85
C ILE C 130 3.79 27.40 6.56
N ILE C 131 4.86 27.28 5.75
CA ILE C 131 4.86 26.32 4.65
C ILE C 131 5.72 25.17 5.10
N GLU C 132 5.11 23.99 5.20
CA GLU C 132 5.86 22.76 5.41
C GLU C 132 6.06 22.01 4.09
N THR C 133 7.33 21.75 3.78
CA THR C 133 7.70 21.11 2.52
C THR C 133 8.36 19.76 2.78
N LYS C 134 7.81 18.73 2.16
CA LYS C 134 8.44 17.43 2.11
C LYS C 134 9.03 17.22 0.73
N PHE C 135 10.30 16.86 0.71
CA PHE C 135 11.08 16.67 -0.50
C PHE C 135 11.16 15.17 -0.68
N PHE C 136 10.73 14.67 -1.83
CA PHE C 136 10.69 13.24 -2.10
C PHE C 136 11.53 12.90 -3.32
N ASP C 137 12.10 11.70 -3.32
CA ASP C 137 12.45 11.06 -4.58
C ASP C 137 11.48 9.90 -4.72
N ASP C 138 10.43 10.10 -5.54
CA ASP C 138 9.37 9.12 -5.70
C ASP C 138 8.63 8.91 -4.37
N ASP C 139 8.67 7.68 -3.82
CA ASP C 139 7.97 7.40 -2.57
CA ASP C 139 8.00 7.34 -2.57
C ASP C 139 8.87 7.65 -1.34
N LEU C 140 10.16 7.89 -1.59
CA LEU C 140 11.09 8.10 -0.47
C LEU C 140 11.13 9.56 0.02
N LEU C 141 11.03 9.72 1.35
CA LEU C 141 11.09 11.05 1.96
C LEU C 141 12.53 11.37 2.24
N VAL C 142 12.99 12.43 1.60
CA VAL C 142 14.37 12.85 1.71
C VAL C 142 14.50 13.78 2.93
N SER C 143 13.63 14.80 2.99
CA SER C 143 13.62 15.73 4.12
C SER C 143 12.30 16.48 4.25
N THR C 144 12.13 17.10 5.41
CA THR C 144 10.99 17.94 5.76
C THR C 144 11.54 19.26 6.29
N SER C 145 11.03 20.36 5.76
CA SER C 145 11.41 21.66 6.28
C SER C 145 10.18 22.53 6.53
N ARG C 146 10.41 23.65 7.21
CA ARG C 146 9.34 24.58 7.58
CA ARG C 146 9.34 24.57 7.59
C ARG C 146 9.82 26.00 7.40
N VAL C 147 8.99 26.83 6.78
CA VAL C 147 9.31 28.24 6.63
C VAL C 147 8.12 29.05 7.09
N ARG C 148 8.42 29.99 7.99
CA ARG C 148 7.44 30.91 8.55
C ARG C 148 7.48 32.16 7.70
N LEU C 149 6.30 32.59 7.29
CA LEU C 149 6.14 33.67 6.34
C LEU C 149 5.64 34.95 7.02
N PHE C 150 6.23 36.06 6.60
CA PHE C 150 5.90 37.39 7.05
C PHE C 150 5.67 38.21 5.79
N TYR C 151 4.70 39.11 5.84
CA TYR C 151 4.34 39.95 4.71
C TYR C 151 4.62 41.39 5.09
N VAL C 152 5.63 41.98 4.45
CA VAL C 152 6.15 43.29 4.84
C VAL C 152 5.92 44.38 3.79
N SER D 4 -47.04 5.76 -10.77
CA SER D 4 -46.72 5.85 -12.22
C SER D 4 -46.34 4.49 -12.78
N ALA D 5 -46.52 4.33 -14.09
CA ALA D 5 -45.95 3.16 -14.76
C ALA D 5 -44.41 3.22 -14.70
N LYS D 6 -43.86 4.41 -14.91
CA LYS D 6 -42.42 4.65 -14.88
C LYS D 6 -41.80 4.25 -13.53
N ASP D 7 -42.46 4.69 -12.46
CA ASP D 7 -42.02 4.42 -11.09
C ASP D 7 -41.94 2.92 -10.78
N GLU D 8 -42.91 2.15 -11.25
CA GLU D 8 -42.85 0.69 -11.05
C GLU D 8 -41.70 0.07 -11.84
N ARG D 9 -41.51 0.49 -13.09
CA ARG D 9 -40.42 -0.02 -13.88
C ARG D 9 -39.04 0.23 -13.25
N ALA D 10 -38.88 1.39 -12.61
CA ALA D 10 -37.65 1.75 -11.90
C ALA D 10 -37.38 0.90 -10.65
N ARG D 11 -38.43 0.56 -9.89
CA ARG D 11 -38.29 -0.38 -8.77
C ARG D 11 -37.86 -1.77 -9.26
N GLU D 12 -38.37 -2.20 -10.43
CA GLU D 12 -37.96 -3.48 -11.06
C GLU D 12 -36.47 -3.47 -11.42
N ILE D 13 -36.04 -2.40 -12.08
CA ILE D 13 -34.63 -2.23 -12.42
C ILE D 13 -33.79 -2.27 -11.16
N LEU D 14 -34.19 -1.51 -10.14
CA LEU D 14 -33.41 -1.44 -8.91
C LEU D 14 -33.24 -2.78 -8.22
N ARG D 15 -34.32 -3.54 -8.14
CA ARG D 15 -34.32 -4.84 -7.46
C ARG D 15 -33.38 -5.82 -8.15
N GLY D 16 -33.21 -5.67 -9.46
CA GLY D 16 -32.30 -6.54 -10.20
C GLY D 16 -30.88 -6.03 -10.39
N PHE D 17 -30.55 -4.90 -9.75
CA PHE D 17 -29.27 -4.19 -9.98
C PHE D 17 -28.32 -4.37 -8.81
N LYS D 18 -27.05 -4.61 -9.11
CA LYS D 18 -26.06 -4.62 -8.03
C LYS D 18 -24.72 -4.12 -8.48
N LEU D 19 -24.05 -3.41 -7.58
CA LEU D 19 -22.71 -2.96 -7.77
C LEU D 19 -21.82 -3.98 -7.09
N ASN D 20 -21.07 -4.76 -7.87
CA ASN D 20 -20.22 -5.82 -7.32
C ASN D 20 -18.95 -5.29 -6.67
N TRP D 21 -18.34 -4.29 -7.31
CA TRP D 21 -17.27 -3.55 -6.68
C TRP D 21 -17.05 -2.22 -7.37
N MET D 22 -16.31 -1.34 -6.70
CA MET D 22 -15.80 -0.13 -7.34
C MET D 22 -14.31 -0.03 -7.05
N ASN D 23 -13.51 0.30 -8.07
CA ASN D 23 -12.08 0.55 -7.86
C ASN D 23 -11.76 1.96 -8.29
N LEU D 24 -10.85 2.59 -7.56
CA LEU D 24 -10.16 3.77 -8.06
C LEU D 24 -8.77 3.31 -8.47
N ARG D 25 -8.39 3.63 -9.69
CA ARG D 25 -7.12 3.21 -10.25
C ARG D 25 -6.35 4.45 -10.68
N ASP D 26 -5.04 4.32 -10.67
CA ASP D 26 -4.12 5.25 -11.31
C ASP D 26 -4.26 4.94 -12.79
N ALA D 27 -4.85 5.86 -13.56
CA ALA D 27 -5.08 5.61 -15.00
C ALA D 27 -3.80 5.36 -15.78
N GLU D 28 -2.70 5.98 -15.32
CA GLU D 28 -1.42 5.85 -16.00
C GLU D 28 -0.81 4.45 -15.90
N THR D 29 -0.99 3.80 -14.76
CA THR D 29 -0.41 2.49 -14.52
C THR D 29 -1.44 1.37 -14.47
N GLY D 30 -2.71 1.70 -14.24
CA GLY D 30 -3.72 0.66 -13.99
C GLY D 30 -3.73 0.10 -12.57
N LYS D 31 -2.82 0.58 -11.72
CA LYS D 31 -2.75 0.17 -10.32
C LYS D 31 -4.04 0.53 -9.58
N ILE D 32 -4.62 -0.45 -8.88
CA ILE D 32 -5.75 -0.21 -8.00
C ILE D 32 -5.28 0.49 -6.73
N LEU D 33 -5.84 1.68 -6.54
CA LEU D 33 -5.52 2.51 -5.38
C LEU D 33 -6.49 2.27 -4.22
N TRP D 34 -7.71 1.86 -4.55
CA TRP D 34 -8.74 1.60 -3.56
C TRP D 34 -9.75 0.65 -4.19
N GLN D 35 -10.12 -0.40 -3.45
CA GLN D 35 -11.26 -1.26 -3.83
C GLN D 35 -12.33 -1.16 -2.76
N GLY D 36 -13.56 -0.89 -3.20
CA GLY D 36 -14.72 -1.03 -2.33
C GLY D 36 -15.51 -2.26 -2.76
N THR D 37 -15.87 -3.10 -1.79
CA THR D 37 -16.70 -4.28 -2.07
C THR D 37 -18.12 -4.18 -1.50
N GLU D 38 -18.44 -3.04 -0.87
CA GLU D 38 -19.80 -2.77 -0.42
C GLU D 38 -20.61 -2.33 -1.62
N ASP D 39 -21.87 -2.77 -1.68
CA ASP D 39 -22.76 -2.30 -2.73
C ASP D 39 -23.23 -0.87 -2.46
N LEU D 40 -22.53 0.08 -3.08
CA LEU D 40 -22.77 1.50 -2.85
C LEU D 40 -24.01 2.03 -3.60
N SER D 41 -24.66 1.18 -4.38
CA SER D 41 -25.89 1.58 -5.09
C SER D 41 -27.18 1.50 -4.25
N VAL D 42 -27.09 0.91 -3.05
CA VAL D 42 -28.28 0.68 -2.21
C VAL D 42 -28.77 1.98 -1.55
N PRO D 43 -30.03 2.35 -1.81
CA PRO D 43 -30.58 3.59 -1.28
C PRO D 43 -30.97 3.52 0.20
N GLY D 44 -31.07 4.68 0.87
CA GLY D 44 -31.64 4.76 2.21
C GLY D 44 -30.69 4.33 3.31
N VAL D 45 -29.40 4.40 3.02
CA VAL D 45 -28.34 4.01 3.92
C VAL D 45 -27.20 4.98 3.62
N GLU D 46 -26.48 5.42 4.66
CA GLU D 46 -25.27 6.18 4.43
C GLU D 46 -24.07 5.25 4.48
N HIS D 47 -23.56 4.95 3.29
CA HIS D 47 -22.36 4.17 3.11
C HIS D 47 -21.14 5.01 3.45
N GLU D 48 -20.05 4.33 3.77
CA GLU D 48 -18.79 4.96 4.03
C GLU D 48 -17.75 4.37 3.07
N ALA D 49 -16.81 5.22 2.64
CA ALA D 49 -15.66 4.80 1.86
C ALA D 49 -14.43 5.44 2.47
N ARG D 50 -13.41 4.62 2.75
CA ARG D 50 -12.17 5.06 3.35
C ARG D 50 -11.11 5.01 2.26
N VAL D 51 -10.96 6.12 1.56
CA VAL D 51 -10.04 6.19 0.43
C VAL D 51 -8.64 6.62 0.91
N PRO D 52 -7.57 6.06 0.30
CA PRO D 52 -6.24 6.48 0.78
C PRO D 52 -6.01 7.94 0.43
N LYS D 53 -5.42 8.69 1.35
CA LYS D 53 -5.20 10.11 1.11
C LYS D 53 -4.30 10.40 -0.09
N LYS D 54 -3.44 9.43 -0.45
CA LYS D 54 -2.59 9.55 -1.64
C LYS D 54 -3.37 9.72 -2.96
N ILE D 55 -4.66 9.37 -2.96
CA ILE D 55 -5.52 9.64 -4.13
C ILE D 55 -5.47 11.13 -4.54
N LEU D 56 -5.29 12.00 -3.56
CA LEU D 56 -5.32 13.44 -3.79
C LEU D 56 -4.16 13.93 -4.66
N LYS D 57 -3.04 13.21 -4.65
CA LYS D 57 -1.93 13.63 -5.49
C LYS D 57 -1.81 12.85 -6.79
N CYS D 58 -2.72 11.91 -7.03
CA CYS D 58 -2.70 11.13 -8.28
C CYS D 58 -3.05 12.02 -9.46
N LYS D 59 -2.23 11.98 -10.50
CA LYS D 59 -2.41 12.86 -11.63
C LYS D 59 -3.68 12.59 -12.43
N ALA D 60 -4.06 11.32 -12.53
CA ALA D 60 -5.26 10.94 -13.27
C ALA D 60 -5.80 9.67 -12.63
N VAL D 61 -7.05 9.75 -12.18
CA VAL D 61 -7.72 8.66 -11.46
C VAL D 61 -8.85 8.13 -12.32
N SER D 62 -8.84 6.83 -12.61
CA SER D 62 -10.02 6.30 -13.29
C SER D 62 -10.96 5.61 -12.29
N ARG D 63 -12.27 5.65 -12.57
CA ARG D 63 -13.24 5.03 -11.67
C ARG D 63 -13.80 3.78 -12.29
N GLU D 64 -13.59 2.65 -11.65
CA GLU D 64 -14.06 1.39 -12.18
C GLU D 64 -15.26 0.87 -11.41
N LEU D 65 -16.37 0.63 -12.12
CA LEU D 65 -17.58 0.03 -11.56
C LEU D 65 -17.80 -1.32 -12.22
N ASN D 66 -17.99 -2.36 -11.41
CA ASN D 66 -18.47 -3.61 -11.96
C ASN D 66 -19.87 -3.85 -11.40
N PHE D 67 -20.85 -4.01 -12.26
CA PHE D 67 -22.26 -4.09 -11.87
C PHE D 67 -23.01 -5.10 -12.73
N SER D 68 -24.00 -5.73 -12.12
CA SER D 68 -24.90 -6.66 -12.82
C SER D 68 -26.31 -6.08 -12.83
N SER D 69 -27.10 -6.47 -13.83
CA SER D 69 -28.47 -6.00 -13.96
C SER D 69 -29.36 -7.08 -14.56
N THR D 70 -30.41 -7.52 -13.85
CA THR D 70 -31.37 -8.44 -14.49
C THR D 70 -32.13 -7.77 -15.62
N GLU D 71 -32.59 -6.55 -15.37
CA GLU D 71 -33.34 -5.79 -16.37
C GLU D 71 -32.44 -5.10 -17.38
N GLN D 72 -32.93 -5.02 -18.60
CA GLN D 72 -32.34 -4.27 -19.67
C GLN D 72 -32.44 -2.77 -19.37
N MET D 73 -31.41 -2.00 -19.74
CA MET D 73 -31.48 -0.55 -19.65
C MET D 73 -31.05 0.01 -20.98
N GLU D 74 -31.80 1.00 -21.48
CA GLU D 74 -31.44 1.65 -22.75
C GLU D 74 -30.26 2.60 -22.63
N LYS D 75 -30.24 3.41 -21.58
CA LYS D 75 -29.25 4.46 -21.43
C LYS D 75 -28.83 4.57 -19.99
N PHE D 76 -28.12 3.56 -19.50
CA PHE D 76 -27.71 3.56 -18.10
C PHE D 76 -26.69 4.70 -17.86
N ARG D 77 -26.91 5.48 -16.81
CA ARG D 77 -26.04 6.62 -16.58
C ARG D 77 -26.08 7.02 -15.13
N LEU D 78 -25.08 7.80 -14.71
CA LEU D 78 -24.95 8.25 -13.34
C LEU D 78 -24.84 9.78 -13.31
N GLU D 79 -25.37 10.41 -12.27
CA GLU D 79 -25.16 11.83 -12.00
C GLU D 79 -24.61 11.78 -10.60
N GLN D 80 -23.43 12.36 -10.37
CA GLN D 80 -22.84 12.38 -9.03
C GLN D 80 -22.56 13.81 -8.57
N LYS D 81 -23.10 14.18 -7.41
CA LYS D 81 -22.90 15.51 -6.86
C LYS D 81 -22.05 15.38 -5.62
N VAL D 82 -20.95 16.11 -5.57
CA VAL D 82 -20.03 16.06 -4.45
C VAL D 82 -20.34 17.24 -3.57
N TYR D 83 -20.60 16.95 -2.31
CA TYR D 83 -20.96 17.96 -1.31
C TYR D 83 -19.86 18.02 -0.28
N PHE D 84 -19.39 19.22 0.04
CA PHE D 84 -18.44 19.38 1.12
C PHE D 84 -19.09 20.28 2.17
N LYS D 85 -19.22 19.74 3.38
CA LYS D 85 -19.94 20.42 4.47
C LYS D 85 -21.24 21.06 3.96
N GLY D 86 -22.08 20.26 3.31
CA GLY D 86 -23.39 20.70 2.84
C GLY D 86 -23.49 21.47 1.52
N GLN D 87 -22.36 21.95 1.00
CA GLN D 87 -22.35 22.71 -0.26
C GLN D 87 -21.76 21.90 -1.42
N CYS D 88 -22.36 22.05 -2.61
CA CYS D 88 -21.89 21.34 -3.82
C CYS D 88 -20.52 21.82 -4.29
N LEU D 89 -19.57 20.90 -4.30
CA LEU D 89 -18.20 21.18 -4.72
C LEU D 89 -18.05 20.97 -6.23
N GLU D 90 -18.66 19.90 -6.74
CA GLU D 90 -18.53 19.49 -8.14
C GLU D 90 -19.62 18.48 -8.48
N GLU D 91 -19.78 18.27 -9.78
CA GLU D 91 -20.85 17.46 -10.33
C GLU D 91 -20.19 16.65 -11.44
N TRP D 92 -20.34 15.32 -11.41
CA TRP D 92 -19.84 14.46 -12.47
C TRP D 92 -21.02 13.77 -13.15
N PHE D 93 -20.96 13.60 -14.47
CA PHE D 93 -21.98 12.84 -15.22
C PHE D 93 -21.31 11.79 -16.08
N PHE D 94 -21.64 10.52 -15.85
CA PHE D 94 -21.10 9.42 -16.64
C PHE D 94 -22.20 8.57 -17.30
N GLU D 95 -22.18 8.44 -18.63
CA GLU D 95 -23.13 7.57 -19.31
C GLU D 95 -22.48 6.25 -19.71
N PHE D 96 -23.12 5.16 -19.34
CA PHE D 96 -22.69 3.85 -19.77
C PHE D 96 -23.31 3.48 -21.12
N GLY D 97 -24.63 3.63 -21.21
CA GLY D 97 -25.42 3.31 -22.42
C GLY D 97 -26.28 2.08 -22.23
N PHE D 98 -26.26 1.19 -23.23
CA PHE D 98 -27.18 0.04 -23.26
C PHE D 98 -26.67 -1.12 -22.40
N VAL D 99 -27.53 -1.60 -21.51
CA VAL D 99 -27.25 -2.74 -20.67
C VAL D 99 -28.11 -3.95 -21.10
N ILE D 100 -27.43 -5.02 -21.51
CA ILE D 100 -28.06 -6.31 -21.81
C ILE D 100 -28.66 -6.88 -20.53
N PRO D 101 -29.94 -7.35 -20.60
CA PRO D 101 -30.59 -7.92 -19.42
C PRO D 101 -29.78 -9.09 -18.87
N ASN D 102 -29.64 -9.18 -17.56
CA ASN D 102 -28.83 -10.21 -16.91
C ASN D 102 -27.35 -10.25 -17.24
N SER D 103 -26.77 -9.09 -17.56
CA SER D 103 -25.34 -8.99 -17.82
C SER D 103 -24.56 -8.52 -16.59
N THR D 104 -23.26 -8.80 -16.60
CA THR D 104 -22.31 -8.21 -15.67
C THR D 104 -21.31 -7.42 -16.51
N ASN D 105 -21.01 -6.20 -16.08
CA ASN D 105 -20.25 -5.24 -16.88
C ASN D 105 -19.13 -4.57 -16.08
N THR D 106 -17.97 -4.45 -16.68
CA THR D 106 -16.87 -3.71 -16.07
C THR D 106 -16.78 -2.38 -16.81
N TRP D 107 -16.93 -1.29 -16.07
CA TRP D 107 -17.02 0.03 -16.65
C TRP D 107 -16.02 1.03 -16.03
N GLN D 108 -15.03 1.50 -16.81
CA GLN D 108 -14.08 2.52 -16.34
C GLN D 108 -14.50 3.88 -16.85
N SER D 109 -14.45 4.90 -15.98
CA SER D 109 -14.72 6.26 -16.42
C SER D 109 -13.51 7.14 -16.14
N LEU D 110 -13.12 7.98 -17.09
CA LEU D 110 -12.02 8.91 -16.85
C LEU D 110 -12.43 10.29 -17.29
N ILE D 111 -12.33 11.26 -16.40
CA ILE D 111 -12.34 12.65 -16.84
C ILE D 111 -10.91 13.10 -17.06
N GLU D 112 -10.54 13.28 -18.32
CA GLU D 112 -9.19 13.71 -18.64
C GLU D 112 -9.05 15.24 -18.45
N ALA D 113 -8.23 15.63 -17.49
CA ALA D 113 -7.99 17.05 -17.18
C ALA D 113 -6.59 17.25 -16.62
N ALA D 114 -6.11 18.50 -16.65
CA ALA D 114 -4.86 18.89 -16.01
C ALA D 114 -4.86 18.42 -14.57
N PRO D 115 -3.72 17.85 -14.10
CA PRO D 115 -3.60 17.49 -12.69
C PRO D 115 -3.74 18.75 -11.86
N GLU D 116 -4.33 18.67 -10.67
CA GLU D 116 -4.43 19.90 -9.89
C GLU D 116 -3.37 19.92 -8.81
N SER D 117 -2.51 20.92 -8.91
CA SER D 117 -1.37 21.04 -8.02
C SER D 117 -1.75 21.55 -6.62
N GLN D 118 -2.86 22.27 -6.51
CA GLN D 118 -3.31 22.82 -5.23
C GLN D 118 -4.64 22.15 -4.85
N MET D 119 -4.69 21.48 -3.71
CA MET D 119 -5.88 20.65 -3.36
C MET D 119 -6.32 21.08 -1.99
N MET D 120 -7.58 20.79 -1.64
CA MET D 120 -7.99 20.82 -0.24
C MET D 120 -7.24 19.73 0.51
N PRO D 121 -6.84 20.00 1.76
CA PRO D 121 -6.10 18.99 2.53
C PRO D 121 -6.97 17.76 2.89
N ALA D 122 -6.34 16.58 2.94
CA ALA D 122 -7.00 15.36 3.39
C ALA D 122 -7.70 15.56 4.75
N SER D 123 -7.00 16.21 5.68
CA SER D 123 -7.51 16.42 7.03
C SER D 123 -8.76 17.31 7.07
N VAL D 124 -8.96 18.12 6.04
CA VAL D 124 -10.14 18.96 5.93
C VAL D 124 -11.30 18.22 5.22
N LEU D 125 -10.98 17.57 4.11
CA LEU D 125 -11.99 16.80 3.37
C LEU D 125 -12.56 15.60 4.16
N THR D 126 -11.75 14.93 4.97
CA THR D 126 -12.14 13.62 5.52
C THR D 126 -13.39 13.66 6.41
N GLY D 127 -14.37 12.83 6.06
CA GLY D 127 -15.64 12.83 6.77
C GLY D 127 -16.55 14.01 6.49
N ASN D 128 -16.09 14.94 5.65
CA ASN D 128 -16.90 16.12 5.29
C ASN D 128 -17.36 16.09 3.85
N VAL D 129 -17.03 15.01 3.15
CA VAL D 129 -17.47 14.88 1.79
C VAL D 129 -18.57 13.81 1.72
N ILE D 130 -19.65 14.13 1.03
CA ILE D 130 -20.67 13.15 0.70
C ILE D 130 -20.81 13.19 -0.78
N ILE D 131 -20.84 12.03 -1.40
CA ILE D 131 -21.20 11.96 -2.79
C ILE D 131 -22.59 11.37 -2.95
N GLU D 132 -23.45 12.12 -3.62
CA GLU D 132 -24.79 11.64 -3.92
C GLU D 132 -24.85 11.18 -5.37
N THR D 133 -25.15 9.91 -5.56
CA THR D 133 -25.23 9.34 -6.90
C THR D 133 -26.63 8.98 -7.30
N LYS D 134 -27.07 9.52 -8.43
CA LYS D 134 -28.34 9.13 -8.99
C LYS D 134 -28.08 8.22 -10.16
N PHE D 135 -28.66 7.02 -10.08
CA PHE D 135 -28.59 6.00 -11.14
C PHE D 135 -29.82 6.16 -12.00
N PHE D 136 -29.63 6.37 -13.30
CA PHE D 136 -30.73 6.54 -14.21
C PHE D 136 -30.65 5.52 -15.32
N ASP D 137 -31.82 5.20 -15.87
CA ASP D 137 -31.88 4.69 -17.24
C ASP D 137 -32.61 5.77 -18.01
N ASP D 138 -31.83 6.56 -18.75
CA ASP D 138 -32.33 7.73 -19.46
C ASP D 138 -32.90 8.75 -18.47
N ASP D 139 -34.19 9.08 -18.60
CA ASP D 139 -34.86 10.02 -17.69
C ASP D 139 -35.37 9.34 -16.44
N LEU D 140 -35.36 8.01 -16.44
CA LEU D 140 -35.94 7.22 -15.37
C LEU D 140 -34.98 7.03 -14.20
N LEU D 141 -35.31 7.63 -13.06
CA LEU D 141 -34.53 7.52 -11.85
C LEU D 141 -34.75 6.19 -11.16
N VAL D 142 -33.66 5.45 -10.95
CA VAL D 142 -33.71 4.08 -10.47
C VAL D 142 -33.35 4.04 -9.00
N SER D 143 -32.32 4.80 -8.64
CA SER D 143 -31.80 4.79 -7.29
C SER D 143 -31.05 6.09 -7.00
N THR D 144 -31.05 6.51 -5.74
CA THR D 144 -30.16 7.58 -5.27
C THR D 144 -29.42 7.06 -4.05
N SER D 145 -28.09 7.09 -4.10
CA SER D 145 -27.28 6.64 -2.98
C SER D 145 -26.40 7.77 -2.43
N ARG D 146 -26.01 7.64 -1.17
CA ARG D 146 -25.13 8.60 -0.49
C ARG D 146 -23.94 7.88 0.11
N VAL D 147 -22.76 8.39 -0.17
CA VAL D 147 -21.50 7.85 0.35
C VAL D 147 -20.66 8.95 1.01
N ARG D 148 -20.26 8.73 2.27
CA ARG D 148 -19.42 9.67 2.98
C ARG D 148 -17.98 9.23 2.86
N LEU D 149 -17.11 10.19 2.50
CA LEU D 149 -15.71 9.86 2.23
C LEU D 149 -14.80 10.20 3.37
N PHE D 150 -13.94 9.25 3.68
CA PHE D 150 -12.85 9.45 4.58
C PHE D 150 -11.57 9.29 3.81
N TYR D 151 -10.62 10.20 4.04
CA TYR D 151 -9.33 10.11 3.41
C TYR D 151 -8.34 9.68 4.47
N VAL D 152 -7.86 8.44 4.36
CA VAL D 152 -7.07 7.79 5.41
C VAL D 152 -5.62 7.49 5.04
N SER E 7 -11.79 18.44 -7.03
CA SER E 7 -11.58 18.98 -5.67
C SER E 7 -11.62 17.85 -4.62
N SER E 8 -12.62 16.99 -4.65
CA SER E 8 -12.70 15.89 -3.70
C SER E 8 -11.81 14.76 -4.14
N CMT E 9 -11.23 14.60 -5.50
CA CMT E 9 -10.69 13.55 -6.39
C CMT E 9 -9.35 14.02 -6.89
O CMT E 9 -9.25 14.90 -7.70
CB CMT E 9 -11.55 13.13 -7.57
SG CMT E 9 -11.06 11.53 -8.34
OXT CMT E 9 -8.33 13.36 -6.47
C1 CMT E 9 -7.58 13.32 -7.61
N SER F 7 6.02 -22.51 1.29
CA SER F 7 7.04 -21.74 2.01
C SER F 7 7.38 -20.45 1.25
N SER F 8 7.12 -20.45 -0.06
CA SER F 8 7.39 -19.28 -0.88
C SER F 8 6.22 -18.30 -0.87
N CMT F 9 5.12 -18.74 -0.33
CA CMT F 9 3.90 -17.92 -0.26
C CMT F 9 3.34 -17.98 1.17
O CMT F 9 3.25 -19.04 1.77
CB CMT F 9 2.84 -18.43 -1.24
SG CMT F 9 1.20 -17.66 -1.00
OXT CMT F 9 2.97 -16.78 1.68
C1 CMT F 9 2.84 -16.89 3.10
C1 FAR G . 14.66 -21.85 19.79
C2 FAR G . 14.49 -20.40 20.24
C3 FAR G . 15.52 -19.70 20.76
C5 FAR G . 15.37 -18.25 21.20
C6 FAR G . 13.98 -17.75 21.60
C7 FAR G . 14.00 -16.23 21.79
C8 FAR G . 14.91 -15.53 22.53
C9 FAR G . 14.86 -14.02 22.64
C11 FAR G . 13.84 -13.38 21.73
C12 FAR G . 13.31 -12.11 22.37
C13 FAR G . 12.02 -11.93 22.69
C14 FAR G . 10.96 -12.98 22.44
C15 FAR G . 11.61 -10.64 23.32
C4 FAR G . 16.87 -20.34 20.91
C10 FAR G . 16.02 -16.21 23.28
C1 FAR H . 1.57 -16.29 -2.57
C2 FAR H . 1.93 -16.84 -3.94
C3 FAR H . 3.11 -16.59 -4.52
C5 FAR H . 3.33 -17.17 -5.89
C6 FAR H . 2.51 -16.33 -6.86
C7 FAR H . 2.70 -16.80 -8.29
C8 FAR H . 3.12 -15.98 -9.28
C9 FAR H . 3.28 -16.50 -10.68
C11 FAR H . 2.06 -17.36 -11.05
C12 FAR H . 2.22 -17.78 -12.49
C13 FAR H . 1.20 -18.06 -13.30
C14 FAR H . -0.23 -18.00 -12.84
C15 FAR H . 1.53 -18.48 -14.71
C4 FAR H . 4.19 -15.76 -3.87
C10 FAR H . 3.46 -14.53 -9.02
C1 FAR I . 1.89 32.26 -3.28
C2 FAR I . 2.90 31.37 -2.55
C3 FAR I . 3.88 31.88 -1.77
C5 FAR I . 4.86 30.99 -1.03
C6 FAR I . 5.98 30.40 -1.90
C7 FAR I . 6.80 29.40 -1.08
C8 FAR I . 7.70 29.74 -0.13
C9 FAR I . 8.47 28.71 0.65
C11 FAR I . 8.35 27.30 0.09
C12 FAR I . 9.59 26.56 0.55
C13 FAR I . 10.40 25.92 -0.30
C14 FAR I . 10.11 25.89 -1.78
C15 FAR I . 11.61 25.21 0.23
C4 FAR I . 3.99 33.37 -1.62
C10 FAR I . 7.98 31.18 0.23
C1 FAR J . -11.20 10.06 -7.16
C2 FAR J . -12.69 9.87 -7.03
C3 FAR J . -13.33 10.05 -5.84
C5 FAR J . -14.81 9.81 -5.80
C6 FAR J . -14.95 8.40 -5.26
C7 FAR J . -16.37 7.92 -5.15
C8 FAR J . -16.75 7.04 -4.21
C9 FAR J . -18.19 6.59 -4.17
C11 FAR J . -18.78 6.55 -5.57
C12 FAR J . -20.22 6.11 -5.45
C13 FAR J . -20.87 5.38 -6.38
C14 FAR J . -20.21 4.92 -7.66
C15 FAR J . -22.31 5.02 -6.13
C4 FAR J . -12.57 10.47 -4.61
C10 FAR J . -15.79 6.52 -3.19
#